data_4OGH
#
_entry.id   4OGH
#
_cell.length_a   54.007
_cell.length_b   65.759
_cell.length_c   70.736
_cell.angle_alpha   90.00
_cell.angle_beta   90.00
_cell.angle_gamma   90.00
#
_symmetry.space_group_name_H-M   'P 21 21 21'
#
loop_
_entity.id
_entity.type
_entity.pdbx_description
1 polymer 'Androgen receptor'
2 non-polymer HYDROXYFLUTAMIDE
3 non-polymer 'SULFATE ION'
4 water water
#
_entity_poly.entity_id   1
_entity_poly.type   'polypeptide(L)'
_entity_poly.pdbx_seq_one_letter_code
;QPIFLNVLEAIEPGVVCAGHDNNQPDSFAALLSSLNELGERQLVHVVKWAKALPGFRNLHVDDQMAVIQYSWMGLMVFAM
GWRSFTNVNSAMLYFAPDLVFNEYRMHKSRMYSQCVRMRHLSQEFGWLQITPQEFLCMKALLLFSIIPVDGLKNQKFFDE
LRMNYIKELDRIIACKRKNPTSCSRRFYQLTKLLDSVQPIARELHQFAFDLLIKSHMVSVDFPEMMAEIISVQVPKILSG
KVKPIYFHTQ
;
_entity_poly.pdbx_strand_id   A
#
loop_
_chem_comp.id
_chem_comp.type
_chem_comp.name
_chem_comp.formula
HFT non-polymer HYDROXYFLUTAMIDE 'C11 H11 F3 N2 O4'
SO4 non-polymer 'SULFATE ION' 'O4 S -2'
#
# COMPACT_ATOMS: atom_id res chain seq x y z
N PRO A 2 20.24 0.60 16.89
CA PRO A 2 19.17 0.59 15.90
C PRO A 2 17.75 0.45 16.51
N ILE A 3 17.42 1.31 17.49
CA ILE A 3 16.16 1.20 18.25
C ILE A 3 14.92 1.21 17.33
N PHE A 4 14.83 2.23 16.50
CA PHE A 4 13.69 2.45 15.64
C PHE A 4 13.57 1.31 14.62
N LEU A 5 14.71 0.96 14.03
CA LEU A 5 14.81 -0.16 13.12
C LEU A 5 14.49 -1.51 13.75
N ASN A 6 14.75 -1.65 15.06
CA ASN A 6 14.32 -2.84 15.84
C ASN A 6 12.84 -2.98 15.79
N VAL A 7 12.16 -1.87 16.09
CA VAL A 7 10.70 -1.83 16.11
C VAL A 7 10.13 -2.20 14.74
N LEU A 8 10.53 -1.48 13.69
CA LEU A 8 9.97 -1.74 12.37
C LEU A 8 10.13 -3.19 11.96
N GLU A 9 11.24 -3.78 12.38
CA GLU A 9 11.55 -5.17 12.15
C GLU A 9 10.62 -6.01 12.98
N ALA A 10 10.57 -5.73 14.28
CA ALA A 10 9.72 -6.48 15.19
C ALA A 10 8.30 -6.60 14.66
N ILE A 11 7.73 -5.47 14.24
CA ILE A 11 6.30 -5.37 13.94
C ILE A 11 5.84 -5.72 12.54
N GLU A 12 6.80 -6.05 11.66
CA GLU A 12 6.51 -6.40 10.25
C GLU A 12 5.65 -7.66 10.11
N PRO A 13 4.48 -7.53 9.46
CA PRO A 13 3.54 -8.65 9.28
C PRO A 13 4.16 -9.90 8.66
N GLY A 14 3.73 -11.06 9.13
CA GLY A 14 4.13 -12.29 8.52
C GLY A 14 3.37 -12.56 7.22
N VAL A 15 3.35 -13.84 6.85
CA VAL A 15 2.74 -14.34 5.62
C VAL A 15 1.23 -14.15 5.69
N VAL A 16 0.59 -13.73 4.60
CA VAL A 16 -0.89 -13.64 4.59
C VAL A 16 -1.46 -14.32 3.35
N CYS A 17 -2.28 -15.36 3.51
CA CYS A 17 -2.81 -16.08 2.35
C CYS A 17 -4.16 -15.50 1.90
N ALA A 18 -4.49 -15.69 0.63
CA ALA A 18 -5.74 -15.13 0.06
C ALA A 18 -6.91 -16.10 0.19
N GLY A 19 -6.60 -17.40 0.24
CA GLY A 19 -7.60 -18.46 0.36
C GLY A 19 -8.02 -19.01 -0.98
N HIS A 20 -7.35 -18.55 -2.02
CA HIS A 20 -7.72 -18.85 -3.39
C HIS A 20 -7.55 -20.34 -3.78
N ASP A 21 -8.36 -20.79 -4.74
CA ASP A 21 -8.33 -22.16 -5.25
C ASP A 21 -7.55 -22.28 -6.57
N ASN A 22 -6.25 -22.57 -6.48
CA ASN A 22 -5.38 -22.64 -7.67
C ASN A 22 -5.67 -23.87 -8.58
N ASN A 23 -6.60 -24.72 -8.14
CA ASN A 23 -6.93 -25.94 -8.87
C ASN A 23 -8.15 -25.75 -9.76
N GLN A 24 -8.93 -24.71 -9.44
CA GLN A 24 -10.06 -24.31 -10.25
C GLN A 24 -9.60 -23.24 -11.26
N PRO A 25 -9.92 -23.42 -12.58
CA PRO A 25 -9.45 -22.45 -13.58
C PRO A 25 -9.78 -21.00 -13.21
N ASP A 26 -8.97 -20.08 -13.73
CA ASP A 26 -9.13 -18.66 -13.42
C ASP A 26 -10.33 -18.04 -14.10
N SER A 27 -10.72 -16.90 -13.58
CA SER A 27 -12.02 -16.35 -13.76
C SER A 27 -11.93 -14.99 -13.19
N PHE A 28 -12.55 -14.03 -13.82
CA PHE A 28 -12.63 -12.67 -13.27
C PHE A 28 -13.19 -12.63 -11.85
N ALA A 29 -14.37 -13.23 -11.66
CA ALA A 29 -14.96 -13.24 -10.33
C ALA A 29 -14.15 -14.08 -9.33
N ALA A 30 -13.63 -15.24 -9.75
CA ALA A 30 -12.79 -16.04 -8.83
C ALA A 30 -11.57 -15.22 -8.32
N LEU A 31 -10.83 -14.64 -9.28
CA LEU A 31 -9.64 -13.87 -9.00
C LEU A 31 -9.97 -12.69 -8.11
N LEU A 32 -10.89 -11.84 -8.56
CA LEU A 32 -11.16 -10.59 -7.84
C LEU A 32 -11.89 -10.76 -6.55
N SER A 33 -12.59 -11.89 -6.41
CA SER A 33 -13.10 -12.28 -5.10
C SER A 33 -11.99 -12.59 -4.12
N SER A 34 -10.91 -13.24 -4.58
CA SER A 34 -9.80 -13.56 -3.68
C SER A 34 -8.96 -12.35 -3.32
N LEU A 35 -8.69 -11.47 -4.31
CA LEU A 35 -8.04 -10.16 -4.07
C LEU A 35 -8.75 -9.32 -3.03
N ASN A 36 -10.09 -9.23 -3.15
CA ASN A 36 -10.94 -8.56 -2.17
C ASN A 36 -10.80 -9.19 -0.79
N GLU A 37 -10.87 -10.52 -0.77
CA GLU A 37 -10.63 -11.28 0.43
C GLU A 37 -9.31 -10.88 1.04
N LEU A 38 -8.27 -10.83 0.20
CA LEU A 38 -6.93 -10.54 0.63
C LEU A 38 -6.85 -9.10 1.14
N GLY A 39 -7.55 -8.21 0.44
CA GLY A 39 -7.52 -6.79 0.80
C GLY A 39 -7.91 -6.69 2.27
N GLU A 40 -9.07 -7.25 2.57
CA GLU A 40 -9.58 -7.38 3.92
C GLU A 40 -8.51 -7.81 4.93
N ARG A 41 -7.89 -8.96 4.70
CA ARG A 41 -6.95 -9.51 5.67
C ARG A 41 -5.74 -8.58 5.84
N GLN A 42 -5.20 -8.09 4.73
CA GLN A 42 -4.04 -7.25 4.79
C GLN A 42 -4.43 -5.99 5.52
N LEU A 43 -5.67 -5.54 5.32
CA LEU A 43 -6.16 -4.33 6.02
C LEU A 43 -6.11 -4.49 7.54
N VAL A 44 -6.60 -5.65 7.99
CA VAL A 44 -6.53 -6.08 9.41
C VAL A 44 -5.07 -6.01 9.89
N HIS A 45 -4.18 -6.66 9.13
CA HIS A 45 -2.75 -6.57 9.43
C HIS A 45 -2.21 -5.16 9.42
N VAL A 46 -2.52 -4.37 8.40
CA VAL A 46 -2.08 -2.97 8.46
C VAL A 46 -2.51 -2.24 9.77
N VAL A 47 -3.75 -2.45 10.23
CA VAL A 47 -4.24 -1.80 11.43
C VAL A 47 -3.37 -2.14 12.68
N LYS A 48 -3.15 -3.43 12.88
CA LYS A 48 -2.36 -3.90 13.99
C LYS A 48 -0.90 -3.43 13.93
N TRP A 49 -0.35 -3.36 12.72
CA TRP A 49 1.01 -2.86 12.46
C TRP A 49 1.13 -1.39 12.79
N ALA A 50 0.19 -0.62 12.24
CA ALA A 50 0.07 0.83 12.40
C ALA A 50 0.12 1.22 13.89
N LYS A 51 -0.66 0.50 14.68
CA LYS A 51 -0.89 0.83 16.07
C LYS A 51 0.30 0.40 16.94
N ALA A 52 1.27 -0.25 16.32
CA ALA A 52 2.51 -0.54 17.00
C ALA A 52 3.68 0.36 16.55
N LEU A 53 3.40 1.39 15.75
CA LEU A 53 4.46 2.31 15.27
C LEU A 53 4.83 3.32 16.34
N PRO A 54 6.13 3.67 16.44
CA PRO A 54 6.51 4.77 17.36
C PRO A 54 5.72 6.03 17.06
N GLY A 55 5.22 6.67 18.09
CA GLY A 55 4.41 7.86 17.93
C GLY A 55 2.96 7.62 17.53
N PHE A 56 2.63 6.49 16.91
CA PHE A 56 1.33 6.39 16.24
C PHE A 56 0.06 6.61 17.07
N ARG A 57 -0.10 5.83 18.14
CA ARG A 57 -1.26 5.89 19.08
C ARG A 57 -1.36 7.27 19.77
N ASN A 58 -0.36 8.11 19.54
CA ASN A 58 -0.32 9.50 19.93
C ASN A 58 -1.32 10.38 19.20
N LEU A 59 -1.70 9.98 17.98
CA LEU A 59 -2.64 10.71 17.16
C LEU A 59 -4.06 10.55 17.71
N HIS A 60 -4.90 11.53 17.41
CA HIS A 60 -6.31 11.44 17.73
C HIS A 60 -6.80 10.17 17.06
N VAL A 61 -7.50 9.35 17.84
CA VAL A 61 -8.13 8.10 17.40
C VAL A 61 -8.85 8.21 16.03
N ASP A 62 -9.44 9.37 15.74
CA ASP A 62 -10.04 9.60 14.43
C ASP A 62 -8.98 9.78 13.36
N ASP A 63 -7.90 10.48 13.70
CA ASP A 63 -6.80 10.63 12.76
C ASP A 63 -6.18 9.26 12.44
N GLN A 64 -6.19 8.38 13.42
CA GLN A 64 -5.72 7.02 13.23
C GLN A 64 -6.52 6.27 12.19
N MET A 65 -7.83 6.10 12.41
CA MET A 65 -8.70 5.46 11.42
C MET A 65 -8.57 6.09 10.02
N ALA A 66 -8.52 7.42 10.00
CA ALA A 66 -8.39 8.19 8.76
C ALA A 66 -7.10 7.82 8.01
N VAL A 67 -5.96 8.08 8.64
CA VAL A 67 -4.69 7.80 7.98
C VAL A 67 -4.56 6.33 7.57
N ILE A 68 -5.00 5.41 8.41
CA ILE A 68 -4.98 4.01 8.02
C ILE A 68 -5.81 3.78 6.76
N GLN A 69 -7.03 4.32 6.71
CA GLN A 69 -7.92 4.10 5.57
C GLN A 69 -7.47 4.73 4.26
N TYR A 70 -6.86 5.92 4.32
CA TYR A 70 -6.38 6.55 3.10
C TYR A 70 -5.10 5.86 2.56
N SER A 71 -4.16 5.52 3.47
CA SER A 71 -2.83 4.92 3.15
C SER A 71 -2.87 3.42 2.78
N TRP A 72 -3.94 2.75 3.16
CA TRP A 72 -4.06 1.32 3.03
C TRP A 72 -3.62 0.75 1.67
N MET A 73 -4.12 1.29 0.58
CA MET A 73 -3.86 0.65 -0.73
C MET A 73 -2.41 0.77 -1.11
N GLY A 74 -1.84 1.93 -0.81
CA GLY A 74 -0.48 2.27 -1.17
C GLY A 74 0.50 1.46 -0.36
N LEU A 75 0.21 1.30 0.93
CA LEU A 75 0.97 0.39 1.80
C LEU A 75 0.96 -1.04 1.25
N MET A 76 -0.23 -1.54 0.91
CA MET A 76 -0.34 -2.85 0.30
C MET A 76 0.48 -2.92 -1.00
N VAL A 77 0.37 -1.86 -1.83
CA VAL A 77 1.08 -1.83 -3.09
C VAL A 77 2.59 -1.92 -2.92
N PHE A 78 3.10 -1.24 -1.92
CA PHE A 78 4.54 -1.14 -1.72
C PHE A 78 5.06 -2.50 -1.21
N ALA A 79 4.31 -3.10 -0.30
CA ALA A 79 4.76 -4.33 0.31
C ALA A 79 4.65 -5.44 -0.73
N MET A 80 3.56 -5.40 -1.50
CA MET A 80 3.37 -6.35 -2.58
C MET A 80 4.54 -6.24 -3.55
N GLY A 81 4.92 -5.00 -3.93
CA GLY A 81 6.12 -4.77 -4.74
C GLY A 81 7.40 -5.40 -4.19
N TRP A 82 7.65 -5.20 -2.88
CA TRP A 82 8.79 -5.78 -2.22
C TRP A 82 8.80 -7.31 -2.28
N ARG A 83 7.70 -7.95 -1.85
CA ARG A 83 7.53 -9.41 -1.93
C ARG A 83 7.75 -9.87 -3.35
N SER A 84 7.18 -9.17 -4.32
CA SER A 84 7.36 -9.51 -5.72
C SER A 84 8.84 -9.50 -6.13
N PHE A 85 9.51 -8.45 -5.71
CA PHE A 85 10.94 -8.31 -5.93
C PHE A 85 11.70 -9.48 -5.31
N THR A 86 11.45 -9.73 -4.02
CA THR A 86 12.22 -10.70 -3.25
C THR A 86 11.84 -12.19 -3.47
N ASN A 87 10.63 -12.50 -3.90
CA ASN A 87 10.22 -13.91 -3.98
C ASN A 87 10.21 -14.51 -5.37
N VAL A 88 10.19 -13.66 -6.38
CA VAL A 88 10.03 -14.12 -7.75
C VAL A 88 10.66 -13.17 -8.72
N ASN A 89 11.77 -12.57 -8.30
CA ASN A 89 12.56 -11.67 -9.14
C ASN A 89 11.82 -10.67 -10.00
N SER A 90 10.72 -10.16 -9.48
CA SER A 90 9.83 -9.22 -10.22
C SER A 90 9.19 -9.77 -11.53
N ALA A 91 9.38 -11.06 -11.80
CA ALA A 91 8.84 -11.68 -13.02
C ALA A 91 7.29 -11.65 -13.02
N MET A 92 6.71 -12.05 -11.89
CA MET A 92 5.26 -12.06 -11.66
C MET A 92 4.92 -11.19 -10.45
N LEU A 93 3.63 -11.09 -10.11
CA LEU A 93 3.20 -10.34 -8.91
C LEU A 93 2.78 -11.22 -7.74
N TYR A 94 3.51 -11.13 -6.64
CA TYR A 94 3.26 -11.98 -5.47
C TYR A 94 2.29 -11.32 -4.49
N PHE A 95 1.03 -11.27 -4.88
CA PHE A 95 0.00 -10.80 -3.97
C PHE A 95 0.03 -11.62 -2.65
N ALA A 96 0.09 -12.95 -2.77
CA ALA A 96 0.15 -13.84 -1.63
C ALA A 96 0.75 -15.15 -2.10
N PRO A 97 1.12 -16.04 -1.14
CA PRO A 97 1.62 -17.37 -1.49
C PRO A 97 0.69 -18.09 -2.45
N ASP A 98 -0.61 -18.03 -2.19
CA ASP A 98 -1.63 -18.71 -2.97
C ASP A 98 -2.25 -17.90 -4.10
N LEU A 99 -1.84 -16.63 -4.24
CA LEU A 99 -2.31 -15.77 -5.33
C LEU A 99 -1.16 -15.04 -6.03
N VAL A 100 -0.46 -15.72 -6.95
CA VAL A 100 0.62 -15.09 -7.68
C VAL A 100 0.12 -14.80 -9.07
N PHE A 101 0.31 -13.59 -9.52
CA PHE A 101 -0.20 -13.19 -10.83
C PHE A 101 0.84 -13.40 -11.95
N ASN A 102 0.49 -14.20 -12.93
CA ASN A 102 1.26 -14.25 -14.16
C ASN A 102 0.57 -13.34 -15.18
N GLU A 103 1.13 -13.19 -16.39
CA GLU A 103 0.51 -12.34 -17.44
C GLU A 103 -0.97 -12.67 -17.63
N TYR A 104 -1.23 -13.98 -17.64
CA TYR A 104 -2.57 -14.47 -17.90
C TYR A 104 -3.56 -13.91 -16.89
N ARG A 105 -3.23 -14.08 -15.60
CA ARG A 105 -4.07 -13.59 -14.53
C ARG A 105 -4.12 -12.07 -14.56
N MET A 106 -3.00 -11.44 -14.88
CA MET A 106 -2.98 -10.01 -15.08
C MET A 106 -4.06 -9.55 -16.05
N HIS A 107 -4.16 -10.24 -17.18
CA HIS A 107 -5.17 -9.90 -18.15
C HIS A 107 -6.57 -10.28 -17.67
N LYS A 108 -6.70 -11.49 -17.11
CA LYS A 108 -7.99 -12.09 -16.77
C LYS A 108 -8.67 -11.40 -15.57
N SER A 109 -7.86 -10.76 -14.73
CA SER A 109 -8.36 -9.98 -13.63
C SER A 109 -8.80 -8.58 -14.07
N ARG A 110 -8.57 -8.26 -15.35
CA ARG A 110 -8.94 -6.97 -15.97
C ARG A 110 -8.17 -5.82 -15.33
N MET A 111 -7.07 -6.17 -14.68
CA MET A 111 -6.24 -5.19 -14.02
C MET A 111 -4.90 -5.11 -14.71
N TYR A 112 -4.88 -5.27 -16.03
CA TYR A 112 -3.61 -5.39 -16.70
C TYR A 112 -2.75 -4.14 -16.55
N SER A 113 -3.25 -2.97 -16.96
CA SER A 113 -2.46 -1.73 -16.86
C SER A 113 -1.95 -1.54 -15.46
N GLN A 114 -2.81 -1.76 -14.46
CA GLN A 114 -2.40 -1.57 -13.07
C GLN A 114 -1.32 -2.53 -12.64
N CYS A 115 -1.47 -3.79 -13.01
CA CYS A 115 -0.46 -4.80 -12.74
C CYS A 115 0.86 -4.43 -13.37
N VAL A 116 0.80 -3.80 -14.53
CA VAL A 116 2.02 -3.32 -15.17
C VAL A 116 2.79 -2.32 -14.27
N ARG A 117 2.13 -1.24 -13.83
CA ARG A 117 2.80 -0.26 -12.97
C ARG A 117 3.38 -0.91 -11.69
N MET A 118 2.58 -1.77 -11.05
CA MET A 118 3.03 -2.45 -9.84
C MET A 118 4.23 -3.33 -10.10
N ARG A 119 4.25 -3.93 -11.28
CA ARG A 119 5.33 -4.82 -11.63
C ARG A 119 6.60 -4.03 -11.84
N HIS A 120 6.44 -2.86 -12.45
CA HIS A 120 7.51 -1.92 -12.70
C HIS A 120 8.13 -1.40 -11.38
N LEU A 121 7.28 -0.92 -10.46
CA LEU A 121 7.68 -0.57 -9.10
C LEU A 121 8.47 -1.71 -8.45
N SER A 122 7.97 -2.93 -8.59
CA SER A 122 8.72 -4.09 -8.14
C SER A 122 10.16 -4.10 -8.67
N GLN A 123 10.33 -3.86 -9.97
CA GLN A 123 11.65 -3.87 -10.62
C GLN A 123 12.57 -2.77 -10.09
N GLU A 124 11.95 -1.66 -9.66
CA GLU A 124 12.68 -0.53 -9.08
C GLU A 124 13.44 -0.92 -7.81
N PHE A 125 12.85 -1.80 -7.00
CA PHE A 125 13.54 -2.28 -5.81
C PHE A 125 14.87 -2.85 -6.24
N GLY A 126 14.85 -3.67 -7.29
CA GLY A 126 16.05 -4.25 -7.89
C GLY A 126 16.98 -3.23 -8.49
N TRP A 127 16.48 -2.46 -9.46
CA TRP A 127 17.25 -1.40 -10.11
C TRP A 127 17.95 -0.47 -9.14
N LEU A 128 17.26 -0.05 -8.06
CA LEU A 128 17.83 0.84 -7.03
C LEU A 128 18.57 0.13 -5.89
N GLN A 129 18.73 -1.20 -5.98
CA GLN A 129 19.30 -1.98 -4.88
C GLN A 129 18.78 -1.54 -3.50
N ILE A 130 17.46 -1.62 -3.32
CA ILE A 130 16.80 -1.15 -2.11
C ILE A 130 17.06 -2.15 -1.00
N THR A 131 17.76 -1.72 0.05
CA THR A 131 17.95 -2.56 1.25
C THR A 131 16.67 -2.82 2.06
N PRO A 132 16.57 -3.99 2.71
CA PRO A 132 15.36 -4.30 3.53
C PRO A 132 15.11 -3.26 4.65
N GLN A 133 16.18 -2.69 5.19
CA GLN A 133 16.08 -1.60 6.14
C GLN A 133 15.43 -0.37 5.50
N GLU A 134 15.88 -0.03 4.28
CA GLU A 134 15.36 1.13 3.57
C GLU A 134 13.91 0.88 3.18
N PHE A 135 13.58 -0.37 2.82
CA PHE A 135 12.20 -0.73 2.57
C PHE A 135 11.26 -0.54 3.79
N LEU A 136 11.75 -0.80 5.01
CA LEU A 136 10.95 -0.63 6.22
C LEU A 136 10.65 0.82 6.54
N CYS A 137 11.68 1.67 6.61
CA CYS A 137 11.43 3.10 6.85
C CYS A 137 10.54 3.69 5.81
N MET A 138 10.83 3.41 4.54
CA MET A 138 9.99 3.87 3.45
C MET A 138 8.53 3.49 3.64
N LYS A 139 8.28 2.19 3.81
CA LYS A 139 6.92 1.72 4.05
C LYS A 139 6.26 2.43 5.24
N ALA A 140 7.02 2.61 6.32
CA ALA A 140 6.53 3.24 7.54
C ALA A 140 6.08 4.64 7.20
N LEU A 141 6.88 5.29 6.37
CA LEU A 141 6.60 6.64 5.94
C LEU A 141 5.36 6.73 5.05
N LEU A 142 5.11 5.69 4.26
CA LEU A 142 3.94 5.69 3.42
C LEU A 142 2.65 5.90 4.19
N LEU A 143 2.58 5.42 5.44
CA LEU A 143 1.41 5.68 6.29
C LEU A 143 1.13 7.17 6.58
N PHE A 144 2.12 8.05 6.39
CA PHE A 144 1.92 9.47 6.65
C PHE A 144 1.87 10.30 5.38
N SER A 145 1.42 9.67 4.31
CA SER A 145 1.57 10.20 2.96
C SER A 145 0.36 10.83 2.33
N ILE A 146 -0.81 10.66 2.93
CA ILE A 146 -2.05 11.12 2.30
C ILE A 146 -3.08 11.54 3.36
N ILE A 147 -3.56 12.79 3.27
CA ILE A 147 -4.42 13.37 4.31
C ILE A 147 -5.52 14.26 3.73
N PRO A 148 -6.59 14.60 4.51
CA PRO A 148 -7.59 15.52 4.00
C PRO A 148 -6.97 16.88 3.85
N VAL A 149 -7.28 17.59 2.77
CA VAL A 149 -6.69 18.93 2.54
C VAL A 149 -6.98 19.88 3.71
N ASP A 150 -8.17 19.76 4.32
CA ASP A 150 -8.51 20.49 5.56
C ASP A 150 -7.64 20.15 6.76
N GLY A 151 -6.80 19.13 6.64
CA GLY A 151 -5.98 18.69 7.77
C GLY A 151 -6.69 17.67 8.65
N LEU A 152 -6.00 17.21 9.68
CA LEU A 152 -6.53 16.19 10.60
C LEU A 152 -6.82 16.78 11.96
N LYS A 153 -7.60 16.08 12.77
CA LYS A 153 -7.99 16.55 14.11
C LYS A 153 -6.80 17.06 14.93
N ASN A 154 -5.72 16.30 15.08
CA ASN A 154 -4.47 16.97 15.44
C ASN A 154 -3.37 16.91 14.38
N GLN A 155 -3.35 17.97 13.56
CA GLN A 155 -2.43 18.10 12.43
C GLN A 155 -0.99 18.34 12.87
N LYS A 156 -0.77 19.21 13.86
CA LYS A 156 0.57 19.46 14.38
C LYS A 156 1.29 18.17 14.81
N PHE A 157 0.69 17.38 15.70
CA PHE A 157 1.32 16.14 16.18
C PHE A 157 1.68 15.28 14.97
N PHE A 158 0.78 15.24 13.98
CA PHE A 158 1.00 14.50 12.71
C PHE A 158 2.25 14.91 11.90
N ASP A 159 2.51 16.21 11.83
CA ASP A 159 3.64 16.72 11.08
C ASP A 159 4.95 16.45 11.82
N GLU A 160 4.94 16.60 13.13
CA GLU A 160 6.07 16.26 13.97
C GLU A 160 6.37 14.77 13.76
N LEU A 161 5.34 13.94 13.85
CA LEU A 161 5.47 12.52 13.58
C LEU A 161 6.19 12.32 12.24
N ARG A 162 5.59 12.85 11.18
CA ARG A 162 6.03 12.63 9.81
C ARG A 162 7.46 13.10 9.62
N MET A 163 7.75 14.29 10.14
CA MET A 163 9.10 14.86 10.19
C MET A 163 10.11 13.84 10.74
N ASN A 164 9.75 13.18 11.84
CA ASN A 164 10.62 12.24 12.53
C ASN A 164 10.90 11.00 11.72
N TYR A 165 9.92 10.61 10.90
CA TYR A 165 10.06 9.48 9.98
C TYR A 165 10.93 9.74 8.74
N ILE A 166 10.84 10.95 8.19
CA ILE A 166 11.80 11.37 7.20
C ILE A 166 13.19 11.29 7.81
N LYS A 167 13.39 11.95 8.96
CA LYS A 167 14.70 11.98 9.64
C LYS A 167 15.26 10.56 9.76
N GLU A 168 14.40 9.60 10.12
CA GLU A 168 14.81 8.20 10.26
C GLU A 168 15.20 7.52 8.96
N LEU A 169 14.47 7.81 7.87
CA LEU A 169 14.89 7.38 6.53
C LEU A 169 16.28 7.92 6.16
N ASP A 170 16.56 9.15 6.58
CA ASP A 170 17.76 9.86 6.24
C ASP A 170 18.96 9.28 6.96
N ARG A 171 18.73 8.81 8.18
CA ARG A 171 19.77 8.22 9.00
C ARG A 171 20.09 6.86 8.46
N ILE A 172 19.04 6.14 8.04
CA ILE A 172 19.15 4.76 7.55
C ILE A 172 19.85 4.72 6.20
N ILE A 173 19.78 5.82 5.47
CA ILE A 173 20.64 6.02 4.31
C ILE A 173 22.08 6.24 4.84
N ALA A 174 22.30 7.39 5.50
CA ALA A 174 23.63 7.81 6.01
C ALA A 174 24.14 6.94 7.18
N SER A 182 27.20 12.50 -1.95
CA SER A 182 25.91 12.22 -2.58
C SER A 182 25.17 11.03 -1.93
N CYS A 183 24.90 11.18 -0.62
CA CYS A 183 23.77 10.52 0.05
C CYS A 183 22.52 11.32 -0.34
N SER A 184 22.78 12.54 -0.81
CA SER A 184 21.77 13.45 -1.36
C SER A 184 21.12 12.78 -2.57
N ARG A 185 21.96 12.08 -3.32
CA ARG A 185 21.57 11.32 -4.51
C ARG A 185 20.64 10.17 -4.09
N ARG A 186 21.07 9.41 -3.08
CA ARG A 186 20.31 8.27 -2.56
C ARG A 186 18.92 8.66 -2.07
N PHE A 187 18.83 9.73 -1.29
CA PHE A 187 17.58 10.20 -0.71
C PHE A 187 16.62 10.61 -1.82
N TYR A 188 17.16 11.28 -2.84
CA TYR A 188 16.38 11.78 -3.95
C TYR A 188 15.68 10.64 -4.64
N GLN A 189 16.43 9.55 -4.83
CA GLN A 189 15.94 8.39 -5.55
C GLN A 189 14.84 7.69 -4.79
N LEU A 190 15.08 7.53 -3.49
CA LEU A 190 14.15 6.86 -2.62
C LEU A 190 12.86 7.67 -2.48
N THR A 191 13.00 9.00 -2.49
CA THR A 191 11.83 9.87 -2.36
C THR A 191 11.06 9.91 -3.68
N LYS A 192 11.78 9.90 -4.80
CA LYS A 192 11.09 9.75 -6.07
C LYS A 192 10.35 8.40 -6.10
N LEU A 193 10.98 7.34 -5.63
CA LEU A 193 10.34 6.03 -5.61
C LEU A 193 9.09 6.04 -4.72
N LEU A 194 9.18 6.70 -3.56
CA LEU A 194 8.00 6.87 -2.68
C LEU A 194 6.84 7.64 -3.32
N ASP A 195 7.16 8.76 -3.97
CA ASP A 195 6.19 9.48 -4.78
C ASP A 195 5.55 8.62 -5.87
N SER A 196 6.29 7.72 -6.51
CA SER A 196 5.71 6.93 -7.59
C SER A 196 4.54 6.07 -7.14
N VAL A 197 4.55 5.65 -5.87
CA VAL A 197 3.50 4.79 -5.29
C VAL A 197 2.09 5.41 -5.36
N GLN A 198 1.99 6.72 -5.27
CA GLN A 198 0.67 7.36 -5.25
C GLN A 198 -0.13 7.24 -6.56
N PRO A 199 0.50 7.52 -7.71
CA PRO A 199 -0.24 7.27 -8.95
C PRO A 199 -0.80 5.86 -9.07
N ILE A 200 -0.02 4.84 -8.69
CA ILE A 200 -0.47 3.45 -8.77
C ILE A 200 -1.66 3.20 -7.83
N ALA A 201 -1.57 3.70 -6.59
CA ALA A 201 -2.61 3.50 -5.60
C ALA A 201 -3.90 4.21 -6.06
N ARG A 202 -3.74 5.36 -6.70
CA ARG A 202 -4.88 6.13 -7.24
C ARG A 202 -5.56 5.31 -8.36
N GLU A 203 -4.76 4.75 -9.25
CA GLU A 203 -5.27 3.85 -10.26
C GLU A 203 -5.99 2.65 -9.64
N LEU A 204 -5.40 2.10 -8.59
CA LEU A 204 -6.01 0.99 -7.90
C LEU A 204 -7.32 1.39 -7.23
N HIS A 205 -7.34 2.60 -6.68
CA HIS A 205 -8.54 3.18 -6.10
C HIS A 205 -9.69 3.26 -7.10
N GLN A 206 -9.45 3.86 -8.28
CA GLN A 206 -10.45 3.95 -9.37
C GLN A 206 -11.05 2.57 -9.67
N PHE A 207 -10.18 1.60 -9.89
CA PHE A 207 -10.61 0.24 -10.22
C PHE A 207 -11.47 -0.45 -9.15
N ALA A 208 -11.04 -0.35 -7.89
CA ALA A 208 -11.78 -0.90 -6.77
C ALA A 208 -13.13 -0.25 -6.69
N PHE A 209 -13.14 1.07 -6.83
CA PHE A 209 -14.36 1.84 -6.77
C PHE A 209 -15.34 1.44 -7.87
N ASP A 210 -14.87 1.44 -9.12
CA ASP A 210 -15.74 1.03 -10.21
C ASP A 210 -16.24 -0.40 -10.01
N LEU A 211 -15.34 -1.27 -9.59
CA LEU A 211 -15.70 -2.65 -9.30
C LEU A 211 -16.83 -2.75 -8.28
N LEU A 212 -16.74 -2.01 -7.18
CA LEU A 212 -17.80 -1.98 -6.18
C LEU A 212 -19.14 -1.63 -6.84
N ILE A 213 -19.26 -0.41 -7.37
CA ILE A 213 -20.41 0.05 -8.18
C ILE A 213 -21.05 -1.07 -9.04
N LYS A 214 -20.29 -1.85 -9.78
CA LYS A 214 -20.92 -2.86 -10.61
C LYS A 214 -20.97 -4.27 -10.03
N SER A 215 -20.63 -4.43 -8.76
CA SER A 215 -20.26 -5.75 -8.23
C SER A 215 -21.39 -6.76 -8.04
N HIS A 216 -22.60 -6.31 -7.74
CA HIS A 216 -23.67 -7.30 -7.62
C HIS A 216 -24.10 -7.75 -9.00
N MET A 217 -23.81 -6.89 -9.98
CA MET A 217 -24.09 -7.16 -11.39
C MET A 217 -23.00 -8.02 -12.06
N VAL A 218 -21.98 -8.48 -11.33
CA VAL A 218 -20.89 -9.32 -11.92
C VAL A 218 -20.41 -10.58 -11.18
N SER A 219 -20.79 -10.66 -9.91
CA SER A 219 -20.60 -11.85 -9.12
C SER A 219 -19.38 -11.82 -8.26
N VAL A 220 -18.81 -10.64 -8.08
CA VAL A 220 -17.66 -10.41 -7.18
C VAL A 220 -18.19 -10.07 -5.79
N ASP A 221 -17.55 -10.64 -4.76
CA ASP A 221 -17.97 -10.42 -3.39
C ASP A 221 -17.08 -9.44 -2.64
N PHE A 222 -17.72 -8.49 -1.96
CA PHE A 222 -17.02 -7.45 -1.22
C PHE A 222 -17.24 -7.59 0.28
N PRO A 223 -16.20 -8.01 1.01
CA PRO A 223 -16.31 -8.03 2.48
C PRO A 223 -16.80 -6.69 3.01
N GLU A 224 -17.71 -6.72 3.97
CA GLU A 224 -18.30 -5.50 4.56
C GLU A 224 -17.27 -4.40 4.87
N MET A 225 -16.13 -4.77 5.43
CA MET A 225 -15.17 -3.75 5.80
C MET A 225 -14.58 -3.05 4.57
N MET A 226 -14.31 -3.84 3.53
CA MET A 226 -13.91 -3.31 2.22
C MET A 226 -14.90 -2.28 1.75
N ALA A 227 -16.11 -2.76 1.47
CA ALA A 227 -17.14 -1.98 0.84
C ALA A 227 -17.39 -0.62 1.52
N GLU A 228 -17.16 -0.54 2.83
CA GLU A 228 -17.29 0.71 3.54
C GLU A 228 -16.15 1.63 3.13
N ILE A 229 -14.91 1.16 3.23
CA ILE A 229 -13.76 2.00 2.85
C ILE A 229 -13.79 2.45 1.37
N ILE A 230 -14.23 1.59 0.47
CA ILE A 230 -14.30 1.94 -0.93
C ILE A 230 -15.38 2.98 -1.26
N SER A 231 -16.49 2.88 -0.53
CA SER A 231 -17.66 3.75 -0.71
C SER A 231 -17.61 5.04 0.12
N VAL A 232 -16.86 5.04 1.21
CA VAL A 232 -16.85 6.22 2.08
C VAL A 232 -15.52 6.99 1.97
N GLN A 233 -14.41 6.26 2.00
CA GLN A 233 -13.06 6.89 2.07
C GLN A 233 -12.44 7.10 0.70
N VAL A 234 -12.52 6.08 -0.14
CA VAL A 234 -11.95 6.15 -1.47
C VAL A 234 -12.48 7.32 -2.29
N PRO A 235 -13.83 7.55 -2.28
CA PRO A 235 -14.35 8.68 -3.04
C PRO A 235 -13.70 10.03 -2.66
N LYS A 236 -13.34 10.19 -1.39
CA LYS A 236 -12.68 11.42 -0.94
C LYS A 236 -11.31 11.57 -1.61
N ILE A 237 -10.64 10.44 -1.84
CA ILE A 237 -9.34 10.46 -2.52
C ILE A 237 -9.60 10.80 -3.98
N LEU A 238 -10.53 10.06 -4.58
CA LEU A 238 -10.88 10.25 -5.99
C LEU A 238 -11.43 11.65 -6.26
N SER A 239 -12.14 12.25 -5.29
CA SER A 239 -12.73 13.59 -5.48
C SER A 239 -11.76 14.74 -5.21
N GLY A 240 -10.53 14.42 -4.85
CA GLY A 240 -9.54 15.43 -4.53
C GLY A 240 -9.57 15.96 -3.10
N LYS A 241 -10.50 15.51 -2.26
CA LYS A 241 -10.62 15.94 -0.86
C LYS A 241 -9.42 15.52 0.00
N VAL A 242 -9.06 14.26 -0.12
CA VAL A 242 -7.91 13.71 0.53
C VAL A 242 -6.84 13.58 -0.55
N LYS A 243 -5.79 14.40 -0.45
CA LYS A 243 -4.68 14.38 -1.41
C LYS A 243 -3.43 13.77 -0.79
N PRO A 244 -2.59 13.11 -1.62
CA PRO A 244 -1.29 12.65 -1.15
C PRO A 244 -0.30 13.77 -0.88
N ILE A 245 0.61 13.56 0.04
CA ILE A 245 1.73 14.45 0.29
C ILE A 245 2.93 13.97 -0.51
N TYR A 246 3.44 14.83 -1.38
CA TYR A 246 4.58 14.46 -2.24
C TYR A 246 5.90 15.09 -1.80
N PHE A 247 7.00 14.43 -2.12
CA PHE A 247 8.30 14.97 -1.80
C PHE A 247 8.68 15.99 -2.86
N HIS A 248 8.41 15.63 -4.11
CA HIS A 248 8.68 16.45 -5.29
C HIS A 248 7.37 16.59 -6.02
N THR A 249 6.91 17.81 -6.27
CA THR A 249 5.68 17.99 -7.02
C THR A 249 6.02 17.97 -8.53
N GLN A 250 5.11 17.62 -9.45
CA GLN A 250 3.65 17.37 -9.27
C GLN A 250 2.82 18.63 -9.07
F1 HFT B . -3.03 -3.91 -5.21
C7 HFT B . -2.36 -4.53 -4.22
F2 HFT B . -1.78 -3.66 -3.37
F3 HFT B . -1.38 -5.28 -4.72
C3 HFT B . -3.34 -5.46 -3.54
C2 HFT B . -4.69 -5.34 -3.86
C4 HFT B . -2.97 -6.50 -2.54
N1 HFT B . -1.63 -6.69 -2.10
O2 HFT B . -1.05 -7.93 -1.98
O1 HFT B . -0.97 -5.73 -1.75
C5 HFT B . -3.99 -7.27 -1.99
C6 HFT B . -5.32 -7.11 -2.36
C1 HFT B . -5.68 -6.14 -3.29
N9 HFT B . -6.99 -6.01 -3.65
C10 HFT B . -7.48 -4.96 -4.36
O10 HFT B . -6.77 -4.09 -4.83
C11 HFT B . -8.96 -4.83 -4.64
C12 HFT B . -9.81 -3.95 -3.70
C13 HFT B . -9.56 -5.80 -5.64
O11 HFT B . -9.27 -5.85 -3.69
S SO4 C . -13.89 -14.53 -17.46
O1 SO4 C . -12.64 -14.79 -18.20
O2 SO4 C . -14.40 -13.16 -17.74
O3 SO4 C . -13.64 -14.61 -16.01
O4 SO4 C . -14.90 -15.56 -17.84
#